data_7EDQ
#
_entry.id   7EDQ
#
_cell.length_a   67.581
_cell.length_b   68.472
_cell.length_c   86.294
_cell.angle_alpha   90.000
_cell.angle_beta   90.000
_cell.angle_gamma   90.000
#
_symmetry.space_group_name_H-M   'P 21 21 21'
#
loop_
_entity.id
_entity.type
_entity.pdbx_description
1 polymer 'Macrophage migration inhibitory factor'
2 non-polymer 6,7-bis(oxidanyl)chromen-2-one
3 non-polymer 'CHLORIDE ION'
4 water water
#
_entity_poly.entity_id   1
_entity_poly.type   'polypeptide(L)'
_entity_poly.pdbx_seq_one_letter_code
;PMFIVNTNVPRASVPDGFLSELTQQLAQATGKPPQYIAVHVVPDQLMAFGGSSEPCALCSLHSIGKIGGAQNRSYSKLLC
GLLAERLRISPDRVYINYYDMNAANVGWNNSTFA
;
_entity_poly.pdbx_strand_id   A,B,C
#
loop_
_chem_comp.id
_chem_comp.type
_chem_comp.name
_chem_comp.formula
CL non-polymer 'CHLORIDE ION' 'Cl -1'
HFC non-polymer 6,7-bis(oxidanyl)chromen-2-one 'C9 H6 O4'
#
# COMPACT_ATOMS: atom_id res chain seq x y z
N PRO A 1 -7.56 -10.69 -8.75
CA PRO A 1 -7.67 -9.75 -7.63
C PRO A 1 -6.48 -9.89 -6.72
N MET A 2 -6.34 -8.96 -5.81
CA MET A 2 -5.23 -8.92 -4.87
C MET A 2 -5.76 -8.56 -3.50
N PHE A 3 -5.38 -9.33 -2.49
CA PHE A 3 -5.74 -9.03 -1.10
C PHE A 3 -4.47 -8.90 -0.29
N ILE A 4 -4.38 -7.80 0.46
CA ILE A 4 -3.22 -7.54 1.30
C ILE A 4 -3.72 -7.35 2.72
N VAL A 5 -3.03 -7.93 3.70
CA VAL A 5 -3.32 -7.68 5.10
C VAL A 5 -2.03 -7.27 5.80
N ASN A 6 -2.06 -6.12 6.45
CA ASN A 6 -0.99 -5.65 7.31
C ASN A 6 -1.46 -5.75 8.75
N THR A 7 -0.65 -6.36 9.62
CA THR A 7 -1.10 -6.58 10.98
C THR A 7 0.07 -6.52 11.94
N ASN A 8 -0.22 -6.16 13.18
CA ASN A 8 0.79 -6.22 14.24
C ASN A 8 0.91 -7.61 14.87
N VAL A 9 0.06 -8.55 14.50
CA VAL A 9 0.19 -9.91 15.03
C VAL A 9 1.53 -10.50 14.58
N PRO A 10 2.25 -11.22 15.43
CA PRO A 10 3.58 -11.72 15.04
C PRO A 10 3.48 -12.85 14.04
N ARG A 11 4.58 -13.02 13.29
CA ARG A 11 4.58 -14.02 12.23
C ARG A 11 4.26 -15.42 12.76
N ALA A 12 4.75 -15.73 13.96
CA ALA A 12 4.55 -17.08 14.48
C ALA A 12 3.10 -17.36 14.79
N SER A 13 2.28 -16.33 14.89
CA SER A 13 0.86 -16.51 15.12
C SER A 13 0.05 -16.57 13.82
N VAL A 14 0.67 -16.49 12.66
CA VAL A 14 -0.02 -16.70 11.39
C VAL A 14 0.02 -18.21 11.11
N PRO A 15 -1.12 -18.90 11.10
CA PRO A 15 -1.07 -20.38 11.01
C PRO A 15 -0.66 -20.86 9.64
N ASP A 16 -0.14 -22.08 9.61
CA ASP A 16 0.10 -22.76 8.34
C ASP A 16 -1.18 -22.77 7.53
N GLY A 17 -1.04 -22.56 6.23
CA GLY A 17 -2.18 -22.64 5.35
C GLY A 17 -2.98 -21.37 5.21
N PHE A 18 -2.55 -20.28 5.86
CA PHE A 18 -3.36 -19.07 5.85
C PHE A 18 -3.46 -18.46 4.46
N LEU A 19 -2.34 -18.34 3.73
CA LEU A 19 -2.42 -17.75 2.39
C LEU A 19 -3.30 -18.59 1.49
N SER A 20 -3.23 -19.94 1.62
CA SER A 20 -4.08 -20.79 0.80
C SER A 20 -5.55 -20.62 1.14
N GLU A 21 -5.87 -20.51 2.43
CA GLU A 21 -7.26 -20.30 2.81
C GLU A 21 -7.78 -19.00 2.26
N LEU A 22 -6.99 -17.93 2.36
CA LEU A 22 -7.40 -16.65 1.78
C LEU A 22 -7.61 -16.78 0.28
N THR A 23 -6.69 -17.44 -0.42
CA THR A 23 -6.80 -17.58 -1.88
C THR A 23 -8.09 -18.27 -2.25
N GLN A 24 -8.38 -19.40 -1.58
CA GLN A 24 -9.55 -20.18 -1.94
C GLN A 24 -10.82 -19.45 -1.57
N GLN A 25 -10.86 -18.86 -0.37
CA GLN A 25 -12.08 -18.17 0.02
C GLN A 25 -12.34 -16.94 -0.84
N LEU A 26 -11.29 -16.22 -1.25
CA LEU A 26 -11.49 -15.07 -2.13
C LEU A 26 -11.89 -15.49 -3.54
N ALA A 27 -11.37 -16.62 -4.03
CA ALA A 27 -11.83 -17.12 -5.33
C ALA A 27 -13.33 -17.36 -5.29
N GLN A 28 -13.79 -17.98 -4.22
CA GLN A 28 -15.21 -18.26 -4.11
C GLN A 28 -16.03 -16.99 -3.99
N ALA A 29 -15.57 -16.05 -3.15
CA ALA A 29 -16.32 -14.84 -2.88
C ALA A 29 -16.38 -13.91 -4.08
N THR A 30 -15.26 -13.74 -4.79
CA THR A 30 -15.26 -12.84 -5.94
C THR A 30 -15.77 -13.50 -7.20
N GLY A 31 -15.88 -14.82 -7.22
CA GLY A 31 -16.25 -15.50 -8.43
C GLY A 31 -15.13 -15.64 -9.45
N LYS A 32 -13.94 -15.15 -9.13
CA LYS A 32 -12.81 -15.20 -10.05
C LYS A 32 -12.07 -16.51 -9.84
N PRO A 33 -11.42 -17.05 -10.86
CA PRO A 33 -10.67 -18.31 -10.68
C PRO A 33 -9.51 -18.11 -9.70
N PRO A 34 -9.20 -19.11 -8.87
CA PRO A 34 -8.09 -18.94 -7.91
C PRO A 34 -6.74 -18.63 -8.55
N GLN A 35 -6.50 -19.09 -9.78
CA GLN A 35 -5.28 -18.76 -10.49
C GLN A 35 -5.05 -17.26 -10.55
N TYR A 36 -6.11 -16.47 -10.48
CA TYR A 36 -6.02 -15.02 -10.60
C TYR A 36 -5.94 -14.27 -9.27
N ILE A 37 -5.99 -14.99 -8.16
CA ILE A 37 -6.03 -14.37 -6.83
C ILE A 37 -4.62 -14.30 -6.28
N ALA A 38 -4.17 -13.11 -5.89
CA ALA A 38 -2.89 -12.94 -5.23
C ALA A 38 -3.16 -12.47 -3.81
N VAL A 39 -2.35 -12.95 -2.86
CA VAL A 39 -2.54 -12.63 -1.45
C VAL A 39 -1.20 -12.29 -0.83
N HIS A 40 -1.22 -11.37 0.13
CA HIS A 40 0.01 -10.91 0.76
C HIS A 40 -0.32 -10.61 2.21
N VAL A 41 0.40 -11.24 3.14
CA VAL A 41 0.19 -11.05 4.57
C VAL A 41 1.46 -10.48 5.16
N VAL A 42 1.34 -9.40 5.92
CA VAL A 42 2.49 -8.68 6.47
C VAL A 42 2.34 -8.62 7.99
N PRO A 43 2.99 -9.54 8.71
CA PRO A 43 2.88 -9.56 10.18
C PRO A 43 3.92 -8.65 10.82
N ASP A 44 3.86 -8.56 12.15
CA ASP A 44 4.89 -7.90 12.94
C ASP A 44 4.97 -6.41 12.68
N GLN A 45 3.88 -5.78 12.25
CA GLN A 45 3.94 -4.37 11.91
C GLN A 45 3.78 -3.48 13.14
N LEU A 46 4.32 -2.27 13.01
CA LEU A 46 4.18 -1.21 14.01
C LEU A 46 2.92 -0.43 13.65
N MET A 47 1.84 -0.70 14.37
CA MET A 47 0.52 -0.20 14.02
C MET A 47 -0.28 0.10 15.27
N ALA A 48 -1.22 1.03 15.12
CA ALA A 48 -2.20 1.27 16.16
C ALA A 48 -3.53 1.47 15.48
N PHE A 49 -4.59 1.13 16.20
CA PHE A 49 -5.95 1.27 15.71
C PHE A 49 -6.71 1.92 16.86
N GLY A 50 -7.24 3.12 16.63
CA GLY A 50 -7.90 3.84 17.72
C GLY A 50 -6.99 4.20 18.86
N GLY A 51 -5.70 4.35 18.59
CA GLY A 51 -4.71 4.70 19.58
C GLY A 51 -4.09 3.54 20.33
N SER A 52 -4.61 2.35 20.18
CA SER A 52 -4.06 1.24 20.94
C SER A 52 -3.50 0.19 20.01
N SER A 53 -2.69 -0.70 20.57
N SER A 53 -2.75 -0.73 20.58
CA SER A 53 -1.97 -1.69 19.79
CA SER A 53 -2.01 -1.68 19.78
C SER A 53 -2.32 -3.13 20.17
C SER A 53 -2.33 -3.11 20.15
N GLU A 54 -3.57 -3.38 20.60
CA GLU A 54 -4.07 -4.73 20.57
C GLU A 54 -4.09 -5.19 19.11
N PRO A 55 -4.22 -6.48 18.86
CA PRO A 55 -4.20 -6.95 17.47
C PRO A 55 -5.17 -6.17 16.59
N CYS A 56 -4.68 -5.79 15.41
CA CYS A 56 -5.48 -5.03 14.46
C CYS A 56 -4.99 -5.38 13.06
N ALA A 57 -5.75 -4.97 12.04
CA ALA A 57 -5.33 -5.22 10.67
C ALA A 57 -5.80 -4.09 9.77
N LEU A 58 -4.97 -3.74 8.81
CA LEU A 58 -5.31 -2.83 7.72
C LEU A 58 -5.12 -3.59 6.43
N CYS A 59 -6.18 -3.64 5.63
CA CYS A 59 -6.20 -4.52 4.48
C CYS A 59 -6.72 -3.80 3.27
N SER A 60 -6.49 -4.40 2.12
CA SER A 60 -7.13 -3.92 0.91
C SER A 60 -7.47 -5.07 -0.01
N LEU A 61 -8.54 -4.88 -0.81
CA LEU A 61 -8.90 -5.82 -1.86
C LEU A 61 -9.04 -5.02 -3.13
N HIS A 62 -8.23 -5.36 -4.13
CA HIS A 62 -8.30 -4.75 -5.45
C HIS A 62 -8.85 -5.80 -6.42
N SER A 63 -9.84 -5.43 -7.21
CA SER A 63 -10.42 -6.39 -8.16
C SER A 63 -10.97 -5.63 -9.36
N ILE A 64 -10.87 -6.25 -10.54
CA ILE A 64 -11.50 -5.70 -11.74
C ILE A 64 -12.97 -6.12 -11.68
N GLY A 65 -13.82 -5.20 -11.20
CA GLY A 65 -15.22 -5.53 -10.99
C GLY A 65 -15.39 -6.37 -9.71
N LYS A 66 -16.64 -6.81 -9.50
CA LYS A 66 -17.02 -7.58 -8.32
C LYS A 66 -16.79 -6.78 -7.05
N ILE A 67 -16.95 -5.46 -7.14
CA ILE A 67 -16.85 -4.54 -6.02
C ILE A 67 -18.13 -3.73 -6.00
N GLY A 68 -18.74 -3.57 -4.83
CA GLY A 68 -19.96 -2.77 -4.76
C GLY A 68 -20.52 -2.85 -3.36
N GLY A 69 -21.61 -2.14 -3.13
CA GLY A 69 -22.15 -2.02 -1.78
C GLY A 69 -22.39 -3.34 -1.09
N ALA A 70 -23.25 -4.17 -1.67
CA ALA A 70 -23.57 -5.46 -1.08
C ALA A 70 -22.37 -6.41 -1.10
N GLN A 71 -21.64 -6.44 -2.22
CA GLN A 71 -20.52 -7.35 -2.31
C GLN A 71 -19.48 -7.04 -1.25
N ASN A 72 -19.23 -5.74 -1.02
CA ASN A 72 -18.18 -5.38 -0.07
C ASN A 72 -18.60 -5.69 1.36
N ARG A 73 -19.91 -5.57 1.67
CA ARG A 73 -20.37 -6.00 2.99
C ARG A 73 -20.11 -7.49 3.16
N SER A 74 -20.36 -8.27 2.11
CA SER A 74 -20.14 -9.70 2.18
C SER A 74 -18.65 -10.02 2.32
N TYR A 75 -17.82 -9.32 1.56
CA TYR A 75 -16.38 -9.54 1.68
C TYR A 75 -15.91 -9.23 3.09
N SER A 76 -16.43 -8.16 3.68
CA SER A 76 -15.96 -7.77 5.01
C SER A 76 -16.35 -8.81 6.05
N LYS A 77 -17.56 -9.37 5.96
CA LYS A 77 -17.94 -10.43 6.88
C LYS A 77 -17.04 -11.65 6.72
N LEU A 78 -16.75 -12.04 5.47
CA LEU A 78 -15.89 -13.19 5.24
C LEU A 78 -14.49 -12.93 5.78
N LEU A 79 -13.92 -11.78 5.41
CA LEU A 79 -12.51 -11.53 5.72
C LEU A 79 -12.30 -11.23 7.19
N CYS A 80 -13.19 -10.44 7.80
CA CYS A 80 -13.09 -10.28 9.24
C CYS A 80 -13.25 -11.62 9.96
N GLY A 81 -14.15 -12.48 9.47
CA GLY A 81 -14.30 -13.78 10.08
C GLY A 81 -13.01 -14.59 10.05
N LEU A 82 -12.33 -14.59 8.91
CA LEU A 82 -11.05 -15.29 8.80
C LEU A 82 -9.98 -14.65 9.71
N LEU A 83 -9.91 -13.32 9.74
CA LEU A 83 -8.91 -12.68 10.60
C LEU A 83 -9.18 -12.96 12.07
N ALA A 84 -10.46 -13.01 12.46
CA ALA A 84 -10.79 -13.30 13.86
C ALA A 84 -10.43 -14.76 14.19
N GLU A 85 -10.81 -15.69 13.31
CA GLU A 85 -10.63 -17.11 13.61
C GLU A 85 -9.17 -17.50 13.56
N ARG A 86 -8.43 -16.99 12.58
CA ARG A 86 -7.05 -17.45 12.36
C ARG A 86 -6.01 -16.57 13.03
N LEU A 87 -6.23 -15.25 13.07
CA LEU A 87 -5.25 -14.34 13.66
C LEU A 87 -5.71 -13.77 14.99
N ARG A 88 -6.93 -14.08 15.42
CA ARG A 88 -7.45 -13.58 16.71
C ARG A 88 -7.54 -12.06 16.75
N ILE A 89 -7.85 -11.45 15.61
CA ILE A 89 -8.06 -10.01 15.52
C ILE A 89 -9.56 -9.74 15.60
N SER A 90 -9.96 -8.85 16.49
CA SER A 90 -11.36 -8.47 16.59
C SER A 90 -11.80 -7.76 15.31
N PRO A 91 -13.00 -8.07 14.78
CA PRO A 91 -13.47 -7.38 13.58
C PRO A 91 -13.55 -5.88 13.71
N ASP A 92 -13.77 -5.36 14.93
CA ASP A 92 -13.83 -3.91 15.08
C ASP A 92 -12.46 -3.26 15.10
N ARG A 93 -11.41 -4.03 14.87
CA ARG A 93 -10.05 -3.50 14.74
C ARG A 93 -9.48 -3.86 13.38
N VAL A 94 -10.37 -3.98 12.38
CA VAL A 94 -9.98 -4.28 11.01
C VAL A 94 -10.57 -3.21 10.10
N TYR A 95 -9.74 -2.63 9.24
CA TYR A 95 -10.23 -1.88 8.09
C TYR A 95 -9.83 -2.62 6.81
N ILE A 96 -10.74 -2.63 5.83
CA ILE A 96 -10.46 -3.18 4.50
C ILE A 96 -10.88 -2.14 3.47
N ASN A 97 -9.93 -1.61 2.72
CA ASN A 97 -10.29 -0.71 1.63
C ASN A 97 -10.51 -1.50 0.35
N TYR A 98 -11.61 -1.22 -0.33
CA TYR A 98 -11.98 -1.90 -1.56
C TYR A 98 -11.74 -0.99 -2.77
N TYR A 99 -11.17 -1.56 -3.82
CA TYR A 99 -10.84 -0.83 -5.06
C TYR A 99 -11.37 -1.61 -6.24
N ASP A 100 -12.26 -0.98 -7.00
CA ASP A 100 -12.76 -1.52 -8.25
C ASP A 100 -11.84 -0.97 -9.33
N MET A 101 -10.94 -1.81 -9.83
CA MET A 101 -9.93 -1.37 -10.78
C MET A 101 -10.45 -1.46 -12.21
N ASN A 102 -10.16 -0.44 -13.00
CA ASN A 102 -10.36 -0.54 -14.44
C ASN A 102 -9.35 -1.51 -15.02
N ALA A 103 -9.79 -2.31 -16.01
CA ALA A 103 -8.90 -3.31 -16.60
C ALA A 103 -7.64 -2.67 -17.17
N ALA A 104 -7.75 -1.48 -17.74
CA ALA A 104 -6.59 -0.80 -18.30
C ALA A 104 -5.56 -0.42 -17.24
N ASN A 105 -5.95 -0.43 -15.98
CA ASN A 105 -5.07 -0.03 -14.89
C ASN A 105 -4.53 -1.21 -14.10
N VAL A 106 -4.62 -2.41 -14.66
CA VAL A 106 -4.02 -3.59 -14.03
C VAL A 106 -3.10 -4.25 -15.01
N GLY A 107 -1.80 -4.18 -14.72
CA GLY A 107 -0.79 -4.85 -15.50
C GLY A 107 -0.55 -6.28 -15.05
N TRP A 108 -0.22 -7.13 -16.02
CA TRP A 108 0.08 -8.53 -15.79
C TRP A 108 0.72 -9.06 -17.08
N ASN A 109 1.74 -9.89 -16.96
CA ASN A 109 2.26 -10.62 -18.12
C ASN A 109 2.61 -9.69 -19.27
N ASN A 110 3.34 -8.62 -18.98
CA ASN A 110 3.84 -7.70 -20.02
C ASN A 110 2.78 -6.83 -20.68
N SER A 111 1.56 -6.83 -20.18
CA SER A 111 0.48 -6.06 -20.80
C SER A 111 -0.48 -5.64 -19.69
N THR A 112 -1.70 -5.30 -20.06
CA THR A 112 -2.74 -5.06 -19.06
C THR A 112 -3.97 -5.88 -19.43
N PHE A 113 -4.96 -5.89 -18.53
CA PHE A 113 -6.18 -6.64 -18.78
C PHE A 113 -7.12 -5.94 -19.75
N ALA A 114 -6.86 -4.70 -20.17
CA ALA A 114 -7.82 -4.04 -21.06
C ALA A 114 -7.99 -4.74 -22.38
N PRO B 1 -10.17 6.91 9.50
CA PRO B 1 -9.09 7.13 8.52
C PRO B 1 -7.91 6.26 8.81
N MET B 2 -7.01 6.18 7.85
CA MET B 2 -5.82 5.35 7.93
C MET B 2 -4.65 6.16 7.41
N PHE B 3 -3.56 6.20 8.18
CA PHE B 3 -2.33 6.87 7.75
C PHE B 3 -1.21 5.87 7.80
N ILE B 4 -0.50 5.76 6.68
CA ILE B 4 0.62 4.84 6.55
C ILE B 4 1.86 5.65 6.15
N VAL B 5 2.98 5.38 6.82
CA VAL B 5 4.26 5.97 6.43
C VAL B 5 5.28 4.86 6.23
N ASN B 6 5.87 4.82 5.04
CA ASN B 6 6.98 3.93 4.73
C ASN B 6 8.23 4.77 4.64
N THR B 7 9.31 4.36 5.30
CA THR B 7 10.48 5.20 5.33
C THR B 7 11.71 4.32 5.43
N ASN B 8 12.84 4.86 4.95
CA ASN B 8 14.13 4.21 5.08
C ASN B 8 14.81 4.53 6.41
N VAL B 9 14.25 5.44 7.20
CA VAL B 9 14.91 5.72 8.48
C VAL B 9 14.83 4.50 9.39
N PRO B 10 15.82 4.26 10.22
CA PRO B 10 15.82 3.04 11.02
C PRO B 10 14.79 3.08 12.14
N ARG B 11 14.38 1.88 12.57
CA ARG B 11 13.35 1.74 13.59
C ARG B 11 13.73 2.46 14.88
N ALA B 12 15.01 2.44 15.24
CA ALA B 12 15.43 3.06 16.50
C ALA B 12 15.26 4.57 16.47
N SER B 13 15.15 5.17 15.29
N SER B 13 15.15 5.16 15.28
CA SER B 13 14.96 6.61 15.21
CA SER B 13 14.97 6.59 15.13
C SER B 13 13.50 7.03 15.29
C SER B 13 13.50 7.02 15.11
N VAL B 14 12.58 6.08 15.26
CA VAL B 14 11.16 6.41 15.42
C VAL B 14 10.90 6.62 16.90
N PRO B 15 10.52 7.81 17.33
CA PRO B 15 10.43 8.04 18.78
C PRO B 15 9.29 7.27 19.44
N ASP B 16 9.49 6.94 20.70
CA ASP B 16 8.42 6.38 21.50
C ASP B 16 7.24 7.34 21.48
N GLY B 17 6.05 6.79 21.33
CA GLY B 17 4.89 7.65 21.30
C GLY B 17 4.56 8.22 19.94
N PHE B 18 5.33 7.90 18.89
CA PHE B 18 5.05 8.46 17.57
C PHE B 18 3.68 8.02 17.04
N LEU B 19 3.32 6.74 17.22
CA LEU B 19 2.00 6.32 16.75
C LEU B 19 0.89 7.08 17.45
N SER B 20 1.03 7.30 18.74
N SER B 20 1.03 7.30 18.75
CA SER B 20 0.02 8.04 19.48
CA SER B 20 0.01 8.05 19.47
C SER B 20 -0.04 9.49 19.02
C SER B 20 -0.04 9.50 19.02
N GLU B 21 1.11 10.10 18.75
CA GLU B 21 1.13 11.47 18.25
C GLU B 21 0.45 11.57 16.90
N LEU B 22 0.77 10.64 15.99
CA LEU B 22 0.08 10.63 14.71
C LEU B 22 -1.42 10.47 14.90
N THR B 23 -1.83 9.56 15.80
CA THR B 23 -3.26 9.33 16.03
C THR B 23 -3.95 10.60 16.47
N GLN B 24 -3.38 11.27 17.48
CA GLN B 24 -4.03 12.44 18.04
C GLN B 24 -3.98 13.62 17.07
N GLN B 25 -2.85 13.81 16.39
CA GLN B 25 -2.76 14.93 15.47
C GLN B 25 -3.69 14.74 14.29
N LEU B 26 -3.85 13.49 13.83
CA LEU B 26 -4.76 13.22 12.72
C LEU B 26 -6.21 13.32 13.15
N ALA B 27 -6.55 12.89 14.38
CA ALA B 27 -7.90 13.06 14.88
C ALA B 27 -8.28 14.52 14.88
N GLN B 28 -7.38 15.38 15.36
CA GLN B 28 -7.63 16.81 15.38
C GLN B 28 -7.72 17.38 13.97
N ALA B 29 -6.80 16.98 13.08
CA ALA B 29 -6.75 17.56 11.74
C ALA B 29 -7.97 17.18 10.92
N THR B 30 -8.40 15.92 11.00
CA THR B 30 -9.55 15.44 10.24
C THR B 30 -10.87 15.71 10.91
N GLY B 31 -10.88 16.04 12.20
CA GLY B 31 -12.13 16.17 12.93
C GLY B 31 -12.78 14.86 13.36
N LYS B 32 -12.18 13.73 13.06
CA LYS B 32 -12.71 12.40 13.33
C LYS B 32 -12.29 11.94 14.71
N PRO B 33 -13.06 11.08 15.37
CA PRO B 33 -12.67 10.57 16.68
C PRO B 33 -11.40 9.75 16.58
N PRO B 34 -10.53 9.83 17.58
CA PRO B 34 -9.29 9.01 17.55
C PRO B 34 -9.58 7.53 17.44
N GLN B 35 -10.73 7.05 17.96
CA GLN B 35 -11.10 5.65 17.88
C GLN B 35 -11.14 5.15 16.45
N TYR B 36 -11.34 6.02 15.48
CA TYR B 36 -11.44 5.66 14.08
C TYR B 36 -10.15 5.87 13.31
N ILE B 37 -9.09 6.35 13.94
CA ILE B 37 -7.83 6.61 13.25
C ILE B 37 -6.92 5.42 13.43
N ALA B 38 -6.43 4.87 12.32
CA ALA B 38 -5.45 3.81 12.35
C ALA B 38 -4.17 4.34 11.76
N VAL B 39 -3.04 3.94 12.32
CA VAL B 39 -1.73 4.43 11.89
C VAL B 39 -0.78 3.25 11.76
N HIS B 40 0.11 3.34 10.76
CA HIS B 40 1.05 2.27 10.47
C HIS B 40 2.34 2.90 10.03
N VAL B 41 3.44 2.60 10.73
CA VAL B 41 4.75 3.16 10.41
C VAL B 41 5.66 2.01 10.07
N VAL B 42 6.34 2.11 8.93
CA VAL B 42 7.17 1.04 8.40
C VAL B 42 8.58 1.58 8.19
N PRO B 43 9.47 1.35 9.14
CA PRO B 43 10.84 1.87 9.04
C PRO B 43 11.74 0.89 8.29
N ASP B 44 13.00 1.29 8.10
CA ASP B 44 14.02 0.40 7.57
C ASP B 44 13.76 -0.09 6.15
N GLN B 45 13.03 0.67 5.36
CA GLN B 45 12.67 0.24 4.03
C GLN B 45 13.78 0.54 3.04
N LEU B 46 13.78 -0.25 1.97
CA LEU B 46 14.67 -0.10 0.83
C LEU B 46 13.97 0.83 -0.17
N MET B 47 14.35 2.10 -0.16
CA MET B 47 13.62 3.13 -0.90
C MET B 47 14.61 4.15 -1.41
N ALA B 48 14.19 4.84 -2.46
CA ALA B 48 14.92 5.98 -2.98
C ALA B 48 13.92 7.04 -3.39
N PHE B 49 14.35 8.30 -3.33
CA PHE B 49 13.52 9.44 -3.70
C PHE B 49 14.40 10.32 -4.56
N GLY B 50 14.00 10.55 -5.81
CA GLY B 50 14.85 11.31 -6.71
C GLY B 50 16.18 10.65 -6.99
N GLY B 51 16.28 9.33 -6.86
CA GLY B 51 17.51 8.63 -7.12
C GLY B 51 18.43 8.58 -5.93
N SER B 52 18.02 9.17 -4.82
CA SER B 52 18.85 9.31 -3.64
C SER B 52 18.31 8.46 -2.50
N SER B 53 19.23 7.87 -1.77
CA SER B 53 18.92 7.06 -0.61
C SER B 53 18.99 7.83 0.70
N GLU B 54 19.09 9.15 0.65
CA GLU B 54 18.92 9.95 1.87
C GLU B 54 17.53 9.75 2.49
N PRO B 55 17.36 10.10 3.76
CA PRO B 55 16.06 9.85 4.40
C PRO B 55 14.89 10.37 3.59
N CYS B 56 13.85 9.53 3.46
CA CYS B 56 12.68 9.90 2.68
C CYS B 56 11.47 9.16 3.25
N ALA B 57 10.27 9.53 2.79
CA ALA B 57 9.08 8.81 3.21
C ALA B 57 8.05 8.84 2.11
N LEU B 58 7.30 7.75 2.00
CA LEU B 58 6.14 7.65 1.11
C LEU B 58 4.97 7.31 1.99
N CYS B 59 3.94 8.13 1.94
CA CYS B 59 2.84 8.03 2.88
C CYS B 59 1.51 8.06 2.16
N SER B 60 0.47 7.62 2.86
CA SER B 60 -0.87 7.78 2.35
C SER B 60 -1.82 8.08 3.48
N LEU B 61 -2.84 8.87 3.16
CA LEU B 61 -3.95 9.11 4.07
C LEU B 61 -5.23 8.74 3.32
N HIS B 62 -5.98 7.79 3.86
CA HIS B 62 -7.30 7.41 3.35
C HIS B 62 -8.34 7.87 4.36
N SER B 63 -9.38 8.54 3.89
CA SER B 63 -10.42 9.00 4.80
C SER B 63 -11.72 9.05 4.04
N ILE B 64 -12.82 8.79 4.74
CA ILE B 64 -14.16 9.01 4.18
C ILE B 64 -14.46 10.50 4.36
N GLY B 65 -14.27 11.27 3.29
CA GLY B 65 -14.42 12.70 3.38
C GLY B 65 -13.24 13.36 4.07
N LYS B 66 -13.36 14.65 4.29
CA LYS B 66 -12.27 15.45 4.86
C LYS B 66 -11.02 15.44 4.01
N ILE B 67 -11.19 15.32 2.69
CA ILE B 67 -10.10 15.35 1.72
C ILE B 67 -10.45 16.37 0.64
N GLY B 68 -9.49 17.20 0.28
CA GLY B 68 -9.75 18.19 -0.77
C GLY B 68 -8.56 19.09 -0.91
N GLY B 69 -8.66 20.01 -1.85
CA GLY B 69 -7.52 20.87 -2.16
C GLY B 69 -6.90 21.59 -0.96
N ALA B 70 -7.69 22.39 -0.26
CA ALA B 70 -7.16 23.13 0.88
C ALA B 70 -6.84 22.21 2.04
N GLN B 71 -7.71 21.23 2.31
CA GLN B 71 -7.44 20.33 3.43
C GLN B 71 -6.15 19.57 3.23
N ASN B 72 -5.90 19.12 1.99
CA ASN B 72 -4.71 18.33 1.74
C ASN B 72 -3.45 19.17 1.85
N ARG B 73 -3.53 20.45 1.49
CA ARG B 73 -2.38 21.33 1.72
C ARG B 73 -2.10 21.44 3.21
N SER B 74 -3.17 21.59 4.02
CA SER B 74 -2.99 21.67 5.47
C SER B 74 -2.45 20.36 6.02
N TYR B 75 -2.99 19.22 5.58
CA TYR B 75 -2.45 17.95 6.05
C TYR B 75 -0.98 17.80 5.68
N SER B 76 -0.61 18.24 4.50
CA SER B 76 0.76 18.05 4.05
C SER B 76 1.73 18.87 4.92
N LYS B 77 1.34 20.09 5.28
CA LYS B 77 2.18 20.89 6.16
C LYS B 77 2.29 20.24 7.54
N LEU B 78 1.17 19.75 8.08
CA LEU B 78 1.18 19.08 9.37
C LEU B 78 2.06 17.84 9.34
N LEU B 79 1.88 16.99 8.33
CA LEU B 79 2.56 15.70 8.28
C LEU B 79 4.03 15.85 7.91
N CYS B 80 4.36 16.72 6.96
CA CYS B 80 5.76 16.98 6.68
C CYS B 80 6.45 17.57 7.92
N GLY B 81 5.75 18.44 8.64
CA GLY B 81 6.33 18.98 9.87
C GLY B 81 6.64 17.90 10.89
N LEU B 82 5.71 16.93 11.06
CA LEU B 82 5.93 15.85 12.01
C LEU B 82 7.07 14.94 11.56
N LEU B 83 7.13 14.63 10.26
CA LEU B 83 8.19 13.77 9.76
C LEU B 83 9.54 14.46 9.88
N ALA B 84 9.57 15.78 9.67
CA ALA B 84 10.82 16.51 9.80
C ALA B 84 11.26 16.56 11.26
N GLU B 85 10.33 16.87 12.17
CA GLU B 85 10.69 17.05 13.57
C GLU B 85 11.02 15.72 14.24
N ARG B 86 10.22 14.67 13.97
CA ARG B 86 10.37 13.42 14.69
C ARG B 86 11.29 12.43 13.99
N LEU B 87 11.28 12.37 12.65
CA LEU B 87 12.10 11.41 11.92
C LEU B 87 13.26 12.06 11.18
N ARG B 88 13.36 13.38 11.21
CA ARG B 88 14.46 14.10 10.55
C ARG B 88 14.46 13.93 9.05
N ILE B 89 13.27 13.80 8.44
CA ILE B 89 13.14 13.67 6.99
C ILE B 89 12.80 15.04 6.40
N SER B 90 13.54 15.46 5.38
CA SER B 90 13.25 16.73 4.72
C SER B 90 11.88 16.68 4.03
N PRO B 91 11.08 17.76 4.15
CA PRO B 91 9.76 17.77 3.48
C PRO B 91 9.82 17.56 1.98
N ASP B 92 10.90 17.96 1.32
CA ASP B 92 10.98 17.75 -0.12
C ASP B 92 11.38 16.32 -0.47
N ARG B 93 11.46 15.43 0.52
CA ARG B 93 11.69 14.01 0.30
C ARG B 93 10.54 13.18 0.86
N VAL B 94 9.36 13.77 0.90
CA VAL B 94 8.14 13.13 1.38
C VAL B 94 7.08 13.24 0.29
N TYR B 95 6.44 12.12 -0.04
CA TYR B 95 5.18 12.16 -0.77
C TYR B 95 4.08 11.66 0.15
N ILE B 96 2.91 12.29 0.05
CA ILE B 96 1.72 11.81 0.73
C ILE B 96 0.60 11.72 -0.29
N ASN B 97 0.10 10.52 -0.55
CA ASN B 97 -1.07 10.36 -1.43
C ASN B 97 -2.35 10.39 -0.59
N TYR B 98 -3.31 11.18 -1.06
CA TYR B 98 -4.57 11.36 -0.35
C TYR B 98 -5.68 10.65 -1.09
N TYR B 99 -6.56 9.97 -0.35
CA TYR B 99 -7.67 9.21 -0.93
C TYR B 99 -8.94 9.53 -0.18
N ASP B 100 -9.92 10.06 -0.90
CA ASP B 100 -11.27 10.30 -0.39
C ASP B 100 -12.05 9.03 -0.71
N MET B 101 -12.27 8.19 0.30
CA MET B 101 -12.95 6.91 0.12
C MET B 101 -14.46 7.06 0.23
N ASN B 102 -15.18 6.38 -0.65
CA ASN B 102 -16.61 6.19 -0.47
C ASN B 102 -16.85 5.26 0.70
N ALA B 103 -17.86 5.56 1.51
CA ALA B 103 -18.15 4.73 2.68
C ALA B 103 -18.37 3.28 2.29
N ALA B 104 -19.02 3.00 1.12
CA ALA B 104 -19.27 1.64 0.71
C ALA B 104 -17.99 0.86 0.41
N ASN B 105 -16.87 1.56 0.22
CA ASN B 105 -15.59 0.93 -0.10
C ASN B 105 -14.66 0.87 1.09
N VAL B 106 -15.16 1.07 2.31
CA VAL B 106 -14.35 0.93 3.52
C VAL B 106 -15.02 -0.11 4.41
N GLY B 107 -14.40 -1.30 4.49
CA GLY B 107 -14.89 -2.34 5.37
C GLY B 107 -14.38 -2.19 6.78
N TRP B 108 -15.20 -2.62 7.72
CA TRP B 108 -14.91 -2.53 9.13
C TRP B 108 -15.92 -3.38 9.85
N ASN B 109 -15.47 -4.15 10.83
CA ASN B 109 -16.40 -4.77 11.77
C ASN B 109 -17.50 -5.56 11.05
N ASN B 110 -17.09 -6.42 10.14
CA ASN B 110 -17.95 -7.38 9.41
C ASN B 110 -18.86 -6.72 8.38
N SER B 111 -18.69 -5.44 8.10
CA SER B 111 -19.57 -4.73 7.18
C SER B 111 -18.76 -3.61 6.55
N THR B 112 -19.44 -2.59 6.05
CA THR B 112 -18.78 -1.38 5.57
C THR B 112 -19.43 -0.18 6.25
N PHE B 113 -18.85 1.00 6.00
CA PHE B 113 -19.39 2.21 6.60
C PHE B 113 -20.61 2.74 5.86
N ALA B 114 -20.99 2.19 4.71
CA ALA B 114 -22.14 2.74 3.98
C ALA B 114 -23.43 2.63 4.77
N PRO C 1 6.32 10.51 -9.73
CA PRO C 1 5.66 9.21 -9.61
C PRO C 1 6.27 8.38 -8.50
N MET C 2 5.56 7.33 -8.13
CA MET C 2 6.00 6.43 -7.07
C MET C 2 5.77 5.01 -7.54
N PHE C 3 6.80 4.18 -7.45
CA PHE C 3 6.72 2.77 -7.84
C PHE C 3 7.09 1.91 -6.65
N ILE C 4 6.21 0.96 -6.31
CA ILE C 4 6.42 0.06 -5.20
C ILE C 4 6.36 -1.35 -5.72
N VAL C 5 7.30 -2.18 -5.31
CA VAL C 5 7.29 -3.62 -5.62
C VAL C 5 7.38 -4.40 -4.33
N ASN C 6 6.40 -5.27 -4.10
CA ASN C 6 6.40 -6.21 -3.00
C ASN C 6 6.65 -7.60 -3.60
N THR C 7 7.57 -8.36 -3.02
CA THR C 7 7.91 -9.63 -3.58
C THR C 7 8.34 -10.59 -2.48
N ASN C 8 8.15 -11.88 -2.75
CA ASN C 8 8.66 -12.94 -1.89
C ASN C 8 10.11 -13.30 -2.17
N VAL C 9 10.72 -12.72 -3.20
CA VAL C 9 12.14 -12.98 -3.48
C VAL C 9 12.97 -12.46 -2.32
N PRO C 10 14.00 -13.18 -1.89
CA PRO C 10 14.77 -12.72 -0.71
C PRO C 10 15.62 -11.50 -1.03
N ARG C 11 15.92 -10.75 0.05
CA ARG C 11 16.65 -9.50 -0.12
C ARG C 11 17.98 -9.71 -0.83
N ALA C 12 18.65 -10.83 -0.55
CA ALA C 12 19.97 -11.06 -1.13
C ALA C 12 19.92 -11.29 -2.63
N SER C 13 18.74 -11.60 -3.16
N SER C 13 18.77 -11.59 -3.20
CA SER C 13 18.52 -11.79 -4.59
CA SER C 13 18.73 -11.71 -4.65
C SER C 13 18.09 -10.51 -5.30
C SER C 13 18.16 -10.48 -5.33
N VAL C 14 17.93 -9.40 -4.59
CA VAL C 14 17.67 -8.11 -5.21
C VAL C 14 19.06 -7.55 -5.54
N PRO C 15 19.42 -7.38 -6.80
CA PRO C 15 20.80 -7.01 -7.12
C PRO C 15 21.14 -5.60 -6.69
N ASP C 16 22.42 -5.38 -6.44
CA ASP C 16 22.90 -4.02 -6.21
C ASP C 16 22.50 -3.15 -7.39
N GLY C 17 22.08 -1.93 -7.06
CA GLY C 17 21.74 -0.95 -8.08
C GLY C 17 20.34 -1.07 -8.61
N PHE C 18 19.51 -1.97 -8.07
CA PHE C 18 18.18 -2.16 -8.62
C PHE C 18 17.31 -0.90 -8.47
N LEU C 19 17.34 -0.25 -7.31
CA LEU C 19 16.52 0.95 -7.14
C LEU C 19 16.91 2.03 -8.12
N SER C 20 18.21 2.20 -8.38
CA SER C 20 18.63 3.21 -9.33
C SER C 20 18.17 2.88 -10.74
N GLU C 21 18.29 1.61 -11.13
CA GLU C 21 17.78 1.21 -12.43
C GLU C 21 16.29 1.49 -12.55
N LEU C 22 15.50 1.17 -11.51
CA LEU C 22 14.08 1.49 -11.56
C LEU C 22 13.87 2.99 -11.71
N THR C 23 14.60 3.80 -10.94
CA THR C 23 14.43 5.24 -11.03
C THR C 23 14.69 5.74 -12.45
N GLN C 24 15.79 5.30 -13.05
CA GLN C 24 16.17 5.81 -14.35
C GLN C 24 15.20 5.35 -15.42
N GLN C 25 14.82 4.07 -15.38
CA GLN C 25 13.91 3.56 -16.39
C GLN C 25 12.53 4.18 -16.26
N LEU C 26 12.07 4.43 -15.03
CA LEU C 26 10.76 5.05 -14.85
C LEU C 26 10.79 6.51 -15.27
N ALA C 27 11.88 7.22 -14.99
CA ALA C 27 11.96 8.60 -15.47
C ALA C 27 11.80 8.64 -16.98
N GLN C 28 12.49 7.73 -17.69
CA GLN C 28 12.41 7.70 -19.14
C GLN C 28 11.02 7.31 -19.62
N ALA C 29 10.45 6.26 -19.01
CA ALA C 29 9.18 5.74 -19.48
C ALA C 29 8.05 6.73 -19.23
N THR C 30 8.01 7.34 -18.05
CA THR C 30 6.91 8.23 -17.73
C THR C 30 7.14 9.63 -18.27
N GLY C 31 8.36 9.99 -18.67
CA GLY C 31 8.66 11.37 -19.02
C GLY C 31 8.89 12.31 -17.84
N LYS C 32 8.81 11.86 -16.77
CA LYS C 32 8.92 12.73 -15.62
C LYS C 32 10.38 12.91 -15.20
N PRO C 33 10.71 14.01 -14.55
CA PRO C 33 12.08 14.21 -14.11
C PRO C 33 12.48 13.20 -13.05
N PRO C 34 13.73 12.76 -13.08
CA PRO C 34 14.19 11.81 -12.05
C PRO C 34 13.98 12.31 -10.65
N GLN C 35 14.07 13.63 -10.42
CA GLN C 35 13.85 14.22 -9.10
C GLN C 35 12.50 13.83 -8.49
N TYR C 36 11.51 13.61 -9.33
CA TYR C 36 10.16 13.35 -8.84
C TYR C 36 9.84 11.87 -8.77
N ILE C 37 10.78 11.00 -9.07
CA ILE C 37 10.56 9.56 -9.07
C ILE C 37 10.98 8.98 -7.73
N ALA C 38 10.06 8.28 -7.06
CA ALA C 38 10.36 7.56 -5.83
C ALA C 38 10.12 6.08 -6.07
N VAL C 39 10.97 5.24 -5.49
CA VAL C 39 10.92 3.80 -5.69
C VAL C 39 11.08 3.09 -4.36
N HIS C 40 10.38 1.95 -4.22
CA HIS C 40 10.40 1.22 -2.95
C HIS C 40 10.30 -0.26 -3.28
N VAL C 41 11.25 -1.05 -2.82
CA VAL C 41 11.26 -2.50 -3.06
C VAL C 41 11.20 -3.20 -1.72
N VAL C 42 10.28 -4.16 -1.61
CA VAL C 42 9.99 -4.85 -0.36
C VAL C 42 10.18 -6.34 -0.57
N PRO C 43 11.33 -6.88 -0.27
CA PRO C 43 11.57 -8.32 -0.49
C PRO C 43 11.16 -9.14 0.71
N ASP C 44 11.32 -10.45 0.59
CA ASP C 44 11.13 -11.37 1.72
C ASP C 44 9.68 -11.42 2.21
N GLN C 45 8.73 -11.09 1.34
CA GLN C 45 7.34 -11.06 1.78
C GLN C 45 6.66 -12.42 1.76
N LEU C 46 5.64 -12.57 2.60
CA LEU C 46 4.79 -13.76 2.66
C LEU C 46 3.65 -13.53 1.67
N MET C 47 3.76 -14.12 0.49
CA MET C 47 2.82 -13.83 -0.58
C MET C 47 2.59 -15.09 -1.39
N ALA C 48 1.45 -15.09 -2.08
CA ALA C 48 1.15 -16.15 -3.03
C ALA C 48 0.46 -15.51 -4.23
N PHE C 49 0.61 -16.16 -5.38
CA PHE C 49 0.00 -15.70 -6.62
C PHE C 49 -0.62 -16.95 -7.23
N GLY C 50 -1.94 -16.98 -7.39
CA GLY C 50 -2.63 -18.18 -7.86
C GLY C 50 -2.47 -19.34 -6.91
N GLY C 51 -2.26 -19.08 -5.61
CA GLY C 51 -2.09 -20.12 -4.62
C GLY C 51 -0.69 -20.64 -4.48
N SER C 52 0.23 -20.20 -5.32
CA SER C 52 1.61 -20.69 -5.35
C SER C 52 2.54 -19.63 -4.81
N SER C 53 3.55 -20.04 -4.04
CA SER C 53 4.52 -19.12 -3.50
C SER C 53 5.85 -19.20 -4.24
N GLU C 54 5.82 -19.67 -5.49
CA GLU C 54 6.93 -19.40 -6.38
C GLU C 54 7.13 -17.89 -6.50
N PRO C 55 8.30 -17.42 -6.94
CA PRO C 55 8.54 -15.98 -6.98
C PRO C 55 7.42 -15.23 -7.70
N CYS C 56 6.98 -14.13 -7.10
CA CYS C 56 5.90 -13.31 -7.64
C CYS C 56 6.11 -11.90 -7.16
N ALA C 57 5.34 -10.97 -7.72
CA ALA C 57 5.42 -9.60 -7.29
C ALA C 57 4.08 -8.91 -7.42
N LEU C 58 3.78 -8.03 -6.47
CA LEU C 58 2.62 -7.16 -6.50
C LEU C 58 3.15 -5.75 -6.44
N CYS C 59 2.80 -4.94 -7.42
CA CYS C 59 3.40 -3.62 -7.58
C CYS C 59 2.36 -2.56 -7.79
N SER C 60 2.77 -1.31 -7.62
CA SER C 60 1.90 -0.21 -7.99
C SER C 60 2.72 0.93 -8.55
N LEU C 61 2.10 1.68 -9.46
CA LEU C 61 2.67 2.92 -9.98
C LEU C 61 1.62 4.01 -9.82
N HIS C 62 1.96 5.04 -9.05
CA HIS C 62 1.12 6.23 -8.89
C HIS C 62 1.81 7.38 -9.61
N SER C 63 1.05 8.13 -10.38
CA SER C 63 1.64 9.25 -11.10
C SER C 63 0.57 10.28 -11.33
N ILE C 64 0.97 11.56 -11.33
CA ILE C 64 0.08 12.64 -11.73
C ILE C 64 0.10 12.69 -13.26
N GLY C 65 -0.91 12.08 -13.89
CA GLY C 65 -0.89 11.94 -15.32
C GLY C 65 0.09 10.86 -15.78
N LYS C 66 0.24 10.77 -17.10
CA LYS C 66 1.07 9.76 -17.73
C LYS C 66 0.58 8.35 -17.42
N ILE C 67 -0.73 8.21 -17.23
CA ILE C 67 -1.37 6.91 -16.99
C ILE C 67 -2.48 6.75 -18.03
N GLY C 68 -2.57 5.58 -18.67
CA GLY C 68 -3.60 5.42 -19.67
C GLY C 68 -3.45 4.07 -20.33
N GLY C 69 -4.35 3.74 -21.24
CA GLY C 69 -4.37 2.41 -21.84
C GLY C 69 -3.04 2.02 -22.45
N ALA C 70 -2.57 2.81 -23.42
CA ALA C 70 -1.33 2.49 -24.14
C ALA C 70 -0.13 2.64 -23.23
N GLN C 71 -0.12 3.71 -22.44
CA GLN C 71 1.03 3.92 -21.56
C GLN C 71 1.17 2.78 -20.57
N ASN C 72 0.04 2.31 -20.02
CA ASN C 72 0.15 1.26 -19.00
C ASN C 72 0.58 -0.06 -19.60
N ARG C 73 0.18 -0.35 -20.83
CA ARG C 73 0.71 -1.51 -21.51
C ARG C 73 2.24 -1.40 -21.67
N SER C 74 2.72 -0.23 -22.04
CA SER C 74 4.16 -0.03 -22.19
C SER C 74 4.87 -0.15 -20.84
N TYR C 75 4.30 0.45 -19.78
CA TYR C 75 4.95 0.31 -18.48
C TYR C 75 4.99 -1.15 -18.05
N SER C 76 3.92 -1.90 -18.33
CA SER C 76 3.86 -3.28 -17.88
C SER C 76 4.94 -4.11 -18.57
N LYS C 77 5.16 -3.89 -19.87
CA LYS C 77 6.23 -4.61 -20.55
C LYS C 77 7.58 -4.22 -19.99
N LEU C 78 7.81 -2.91 -19.74
CA LEU C 78 9.08 -2.48 -19.17
C LEU C 78 9.31 -3.09 -17.79
N LEU C 79 8.32 -2.97 -16.91
CA LEU C 79 8.49 -3.38 -15.52
C LEU C 79 8.53 -4.89 -15.36
N CYS C 80 7.64 -5.61 -16.05
CA CYS C 80 7.76 -7.07 -16.03
C CYS C 80 9.10 -7.51 -16.59
N GLY C 81 9.60 -6.85 -17.63
CA GLY C 81 10.91 -7.20 -18.13
C GLY C 81 12.00 -7.01 -17.09
N LEU C 82 11.97 -5.89 -16.36
CA LEU C 82 12.98 -5.67 -15.32
C LEU C 82 12.85 -6.68 -14.20
N LEU C 83 11.62 -7.01 -13.81
CA LEU C 83 11.44 -7.97 -12.73
C LEU C 83 11.90 -9.36 -13.16
N ALA C 84 11.68 -9.71 -14.43
CA ALA C 84 12.14 -10.99 -14.94
C ALA C 84 13.66 -11.03 -15.00
N GLU C 85 14.25 -9.98 -15.53
CA GLU C 85 15.70 -9.99 -15.73
C GLU C 85 16.45 -9.90 -14.41
N ARG C 86 16.01 -9.05 -13.50
CA ARG C 86 16.77 -8.77 -12.29
C ARG C 86 16.36 -9.61 -11.10
N LEU C 87 15.06 -9.91 -10.94
CA LEU C 87 14.60 -10.67 -9.79
C LEU C 87 14.19 -12.07 -10.18
N ARG C 88 14.23 -12.39 -11.47
CA ARG C 88 13.89 -13.75 -11.94
C ARG C 88 12.44 -14.11 -11.63
N ILE C 89 11.55 -13.13 -11.69
CA ILE C 89 10.12 -13.34 -11.51
C ILE C 89 9.47 -13.44 -12.88
N SER C 90 8.71 -14.52 -13.11
CA SER C 90 8.01 -14.67 -14.37
C SER C 90 6.97 -13.56 -14.53
N PRO C 91 6.84 -12.98 -15.73
CA PRO C 91 5.85 -11.91 -15.93
C PRO C 91 4.42 -12.32 -15.64
N ASP C 92 4.08 -13.60 -15.77
CA ASP C 92 2.72 -14.03 -15.48
C ASP C 92 2.49 -14.23 -13.99
N ARG C 93 3.46 -13.85 -13.16
CA ARG C 93 3.32 -13.85 -11.70
C ARG C 93 3.51 -12.46 -11.14
N VAL C 94 3.19 -11.42 -11.94
CA VAL C 94 3.32 -10.03 -11.55
C VAL C 94 1.99 -9.34 -11.79
N TYR C 95 1.48 -8.62 -10.79
CA TYR C 95 0.43 -7.63 -11.01
C TYR C 95 1.01 -6.26 -10.75
N ILE C 96 0.60 -5.28 -11.56
CA ILE C 96 0.95 -3.87 -11.34
C ILE C 96 -0.34 -3.06 -11.41
N ASN C 97 -0.72 -2.41 -10.31
CA ASN C 97 -1.85 -1.50 -10.33
C ASN C 97 -1.37 -0.08 -10.63
N TYR C 98 -2.07 0.57 -11.54
CA TYR C 98 -1.76 1.92 -12.00
C TYR C 98 -2.78 2.90 -11.45
N TYR C 99 -2.28 4.05 -11.02
CA TYR C 99 -3.11 5.09 -10.40
C TYR C 99 -2.75 6.43 -11.00
N ASP C 100 -3.73 7.08 -11.61
CA ASP C 100 -3.61 8.45 -12.12
C ASP C 100 -4.09 9.37 -11.02
N MET C 101 -3.14 10.03 -10.35
CA MET C 101 -3.47 10.89 -9.22
C MET C 101 -3.74 12.32 -9.65
N ASN C 102 -4.77 12.92 -9.06
CA ASN C 102 -4.98 14.34 -9.18
C ASN C 102 -3.90 15.05 -8.39
N ALA C 103 -3.39 16.13 -8.96
CA ALA C 103 -2.33 16.90 -8.31
C ALA C 103 -2.72 17.36 -6.90
N ALA C 104 -4.02 17.67 -6.70
CA ALA C 104 -4.48 18.10 -5.38
C ALA C 104 -4.37 17.01 -4.32
N ASN C 105 -4.22 15.76 -4.75
CA ASN C 105 -4.18 14.61 -3.86
C ASN C 105 -2.79 14.06 -3.68
N VAL C 106 -1.77 14.81 -4.07
CA VAL C 106 -0.38 14.41 -3.85
C VAL C 106 0.33 15.50 -3.08
N GLY C 107 0.65 15.20 -1.82
CA GLY C 107 1.40 16.11 -0.99
C GLY C 107 2.91 15.92 -1.16
N TRP C 108 3.64 17.02 -1.04
CA TRP C 108 5.10 17.02 -1.19
C TRP C 108 5.57 18.37 -0.71
N ASN C 109 6.66 18.40 0.05
CA ASN C 109 7.31 19.66 0.41
C ASN C 109 6.35 20.66 1.05
N ASN C 110 5.58 20.18 2.04
CA ASN C 110 4.68 21.01 2.85
C ASN C 110 3.46 21.50 2.11
N SER C 111 3.18 21.02 0.91
CA SER C 111 2.04 21.49 0.15
C SER C 111 1.57 20.35 -0.72
N THR C 112 0.84 20.67 -1.79
CA THR C 112 0.51 19.68 -2.79
C THR C 112 0.88 20.21 -4.16
N PHE C 113 0.75 19.34 -5.18
CA PHE C 113 1.11 19.71 -6.53
C PHE C 113 0.05 20.56 -7.24
N ALA C 114 -1.13 20.73 -6.66
CA ALA C 114 -2.17 21.51 -7.32
C ALA C 114 -1.76 22.97 -7.49
C1 HFC D . -3.92 -16.03 -15.80
C2 HFC D . -3.44 -16.50 -14.61
C3 HFC D . -3.13 -17.87 -14.46
C4 HFC D . -3.34 -18.73 -15.53
C5 HFC D . -3.83 -18.25 -16.75
C6 HFC D . -4.14 -16.92 -16.90
O7 HFC D . -4.22 -14.73 -15.94
C8 HFC D . -4.06 -13.82 -15.00
C9 HFC D . -3.58 -14.18 -13.74
C10 HFC D . -3.24 -15.55 -13.51
O11 HFC D . -4.36 -12.70 -15.24
O12 HFC D . -4.01 -19.16 -17.81
O13 HFC D . -3.04 -20.10 -15.41
CL CL E . -8.77 -8.63 -10.81
CL CL F . -22.81 -4.94 -5.04
CL CL G . -8.86 2.11 -11.76
CL CL H . -12.55 7.29 7.54
CL CL I . -13.66 4.89 -3.01
CL CL J . 3.87 12.29 -10.12
CL CL K . -2.28 6.14 -22.81
CL CL L . -6.65 11.23 -7.20
#